data_4Z28
#
_entry.id   4Z28
#
_cell.length_a   61.180
_cell.length_b   61.180
_cell.length_c   166.860
_cell.angle_alpha   90.00
_cell.angle_beta   90.00
_cell.angle_gamma   90.00
#
_symmetry.space_group_name_H-M   'P 43 21 2'
#
loop_
_entity.id
_entity.type
_entity.pdbx_description
1 polymer 'Avidin family'
2 non-polymer BIOTIN
3 non-polymer 2-[BIS-(2-HYDROXY-ETHYL)-AMINO]-2-HYDROXYMETHYL-PROPANE-1,3-DIOL
4 water water
#
_entity_poly.entity_id   1
_entity_poly.type   'polypeptide(L)'
_entity_poly.pdbx_seq_one_letter_code
;FADDHAMSPDMKLLAGASNWVNQSGSVAQFVFTPSPTQPQTYEVSGNYINNAQGTGCKGTPYPLSGAYYSGNQIISFSVV
WSNASANCQSATGWTGYFDFSGSQAVLKTDWNLAFYSGSTPAIQQGQDDFMQSV
;
_entity_poly.pdbx_strand_id   A,B
#
loop_
_chem_comp.id
_chem_comp.type
_chem_comp.name
_chem_comp.formula
BTB non-polymer 2-[BIS-(2-HYDROXY-ETHYL)-AMINO]-2-HYDROXYMETHYL-PROPANE-1,3-DIOL 'C8 H19 N O5'
BTN non-polymer BIOTIN 'C10 H16 N2 O3 S'
#
# COMPACT_ATOMS: atom_id res chain seq x y z
N MET A 7 -9.74 -27.47 -5.52
CA MET A 7 -10.00 -26.03 -5.17
C MET A 7 -9.14 -25.12 -6.04
N SER A 8 -9.81 -24.22 -6.76
CA SER A 8 -9.16 -23.28 -7.67
C SER A 8 -8.09 -22.41 -6.97
N PRO A 9 -7.06 -22.00 -7.73
CA PRO A 9 -5.96 -21.28 -7.07
C PRO A 9 -6.35 -19.94 -6.37
N ASP A 10 -7.32 -19.21 -6.93
CA ASP A 10 -7.80 -17.98 -6.29
C ASP A 10 -8.52 -18.27 -4.95
N MET A 11 -9.08 -19.47 -4.83
CA MET A 11 -9.73 -19.89 -3.58
C MET A 11 -8.73 -20.33 -2.51
N LYS A 12 -7.71 -21.11 -2.90
CA LYS A 12 -6.63 -21.55 -1.94
C LYS A 12 -6.03 -20.33 -1.25
N LEU A 13 -5.89 -19.24 -2.02
CA LEU A 13 -5.36 -18.01 -1.50
C LEU A 13 -6.14 -17.51 -0.26
N LEU A 14 -7.46 -17.58 -0.34
CA LEU A 14 -8.33 -17.01 0.70
C LEU A 14 -8.58 -17.93 1.88
N ALA A 15 -8.33 -19.21 1.64
CA ALA A 15 -8.76 -20.34 2.53
C ALA A 15 -8.14 -20.26 3.90
N GLY A 16 -6.90 -19.83 3.94
CA GLY A 16 -6.27 -19.52 5.19
C GLY A 16 -5.01 -18.74 4.92
N ALA A 17 -3.99 -19.12 5.64
CA ALA A 17 -2.70 -18.51 5.53
C ALA A 17 -1.84 -19.25 4.50
N SER A 18 -1.22 -18.48 3.62
CA SER A 18 -0.34 -18.99 2.58
C SER A 18 0.99 -18.28 2.73
N ASN A 19 2.07 -18.92 2.33
CA ASN A 19 3.40 -18.31 2.33
C ASN A 19 3.77 -18.06 0.86
N TRP A 20 4.24 -16.85 0.56
CA TRP A 20 4.71 -16.48 -0.77
C TRP A 20 6.14 -16.01 -0.62
N VAL A 21 7.04 -16.50 -1.50
CA VAL A 21 8.48 -16.25 -1.41
C VAL A 21 8.99 -15.59 -2.68
N ASN A 22 9.71 -14.49 -2.52
CA ASN A 22 10.22 -13.73 -3.67
C ASN A 22 11.63 -14.14 -4.06
N GLN A 23 12.11 -13.54 -5.14
CA GLN A 23 13.43 -13.84 -5.69
C GLN A 23 14.60 -13.57 -4.73
N SER A 24 14.38 -12.72 -3.75
CA SER A 24 15.38 -12.40 -2.71
C SER A 24 15.33 -13.36 -1.49
N GLY A 25 14.38 -14.29 -1.50
CA GLY A 25 14.15 -15.19 -0.35
C GLY A 25 13.26 -14.63 0.73
N SER A 26 12.68 -13.40 0.50
CA SER A 26 11.78 -12.88 1.49
C SER A 26 10.44 -13.58 1.44
N VAL A 27 9.71 -13.54 2.54
CA VAL A 27 8.47 -14.30 2.70
C VAL A 27 7.31 -13.43 3.16
N ALA A 28 6.23 -13.47 2.38
CA ALA A 28 5.00 -12.78 2.75
C ALA A 28 3.94 -13.77 3.19
N GLN A 29 3.35 -13.52 4.36
CA GLN A 29 2.30 -14.38 4.90
C GLN A 29 1.01 -13.58 4.94
N PHE A 30 0.08 -13.91 4.05
CA PHE A 30 -1.17 -13.15 3.91
C PHE A 30 -2.33 -13.73 4.69
N VAL A 31 -3.07 -12.84 5.34
CA VAL A 31 -4.37 -13.17 5.94
C VAL A 31 -5.47 -12.28 5.38
N PHE A 32 -6.61 -12.86 5.02
CA PHE A 32 -7.72 -12.07 4.40
C PHE A 32 -8.97 -12.10 5.24
N THR A 33 -9.65 -10.97 5.35
CA THR A 33 -10.98 -10.93 5.90
C THR A 33 -11.84 -9.91 5.13
N PRO A 34 -13.17 -10.20 5.04
CA PRO A 34 -13.97 -9.43 4.10
C PRO A 34 -14.03 -7.95 4.46
N SER A 35 -13.94 -7.07 3.47
CA SER A 35 -14.03 -5.63 3.73
C SER A 35 -15.41 -5.32 4.30
N PRO A 36 -15.48 -4.45 5.33
CA PRO A 36 -16.75 -4.02 5.88
C PRO A 36 -17.64 -3.25 4.90
N THR A 37 -17.05 -2.47 3.98
CA THR A 37 -17.80 -1.58 3.06
C THR A 37 -17.67 -1.82 1.56
N GLN A 38 -16.61 -2.50 1.11
CA GLN A 38 -16.37 -2.58 -0.33
C GLN A 38 -16.67 -3.97 -0.87
N PRO A 39 -17.53 -4.09 -1.89
CA PRO A 39 -17.78 -5.39 -2.50
C PRO A 39 -16.54 -6.01 -3.12
N GLN A 40 -16.45 -7.36 -3.03
CA GLN A 40 -15.40 -8.13 -3.72
C GLN A 40 -14.01 -7.71 -3.27
N THR A 41 -13.95 -7.18 -2.05
CA THR A 41 -12.74 -6.70 -1.48
C THR A 41 -12.49 -7.32 -0.10
N TYR A 42 -11.20 -7.53 0.18
CA TYR A 42 -10.73 -8.07 1.46
C TYR A 42 -9.67 -7.17 2.07
N GLU A 43 -9.72 -7.03 3.39
CA GLU A 43 -8.63 -6.45 4.17
C GLU A 43 -7.50 -7.50 4.29
N VAL A 44 -6.29 -7.03 4.03
CA VAL A 44 -5.08 -7.87 4.07
C VAL A 44 -4.31 -7.58 5.36
N SER A 45 -3.96 -8.66 6.05
CA SER A 45 -3.10 -8.60 7.22
C SER A 45 -2.10 -9.74 7.10
N GLY A 46 -1.24 -9.94 8.10
CA GLY A 46 -0.14 -10.90 7.98
C GLY A 46 1.22 -10.37 8.38
N ASN A 47 2.25 -11.05 7.92
CA ASN A 47 3.62 -10.72 8.30
C ASN A 47 4.54 -10.90 7.12
N TYR A 48 5.65 -10.17 7.15
CA TYR A 48 6.61 -10.13 6.06
C TYR A 48 7.97 -10.37 6.71
N ILE A 49 8.70 -11.36 6.22
CA ILE A 49 10.11 -11.59 6.64
C ILE A 49 11.01 -11.30 5.46
N ASN A 50 11.85 -10.29 5.66
CA ASN A 50 12.77 -9.77 4.63
C ASN A 50 14.10 -10.53 4.58
N ASN A 51 14.55 -10.83 3.37
CA ASN A 51 15.87 -11.44 3.18
C ASN A 51 16.71 -10.75 2.11
N ALA A 52 16.26 -9.58 1.61
CA ALA A 52 16.94 -8.93 0.50
C ALA A 52 18.35 -8.40 0.80
N GLN A 53 19.30 -8.78 -0.05
CA GLN A 53 20.67 -8.30 0.00
C GLN A 53 20.77 -6.77 0.01
N GLY A 54 21.60 -6.24 0.91
CA GLY A 54 21.85 -4.78 1.03
C GLY A 54 20.76 -3.97 1.70
N THR A 55 19.82 -4.65 2.35
CA THR A 55 18.75 -3.98 3.08
C THR A 55 18.87 -4.35 4.55
N GLY A 56 18.15 -3.61 5.37
CA GLY A 56 18.14 -3.81 6.82
C GLY A 56 16.95 -4.65 7.22
N CYS A 57 16.76 -4.80 8.52
CA CYS A 57 15.53 -5.41 9.01
C CYS A 57 15.29 -6.81 8.42
N LYS A 58 16.36 -7.64 8.37
CA LYS A 58 16.27 -8.98 7.81
C LYS A 58 16.00 -10.02 8.89
N GLY A 59 15.17 -11.00 8.53
CA GLY A 59 15.09 -12.25 9.33
C GLY A 59 14.14 -12.23 10.51
N THR A 60 13.29 -11.22 10.63
CA THR A 60 12.23 -11.20 11.64
C THR A 60 10.90 -10.71 11.06
N PRO A 61 9.78 -11.11 11.68
CA PRO A 61 8.49 -10.80 11.10
C PRO A 61 8.09 -9.33 11.35
N TYR A 62 7.65 -8.66 10.28
CA TYR A 62 7.04 -7.33 10.36
C TYR A 62 5.59 -7.41 9.92
N PRO A 63 4.65 -6.78 10.66
CA PRO A 63 3.27 -6.80 10.19
C PRO A 63 3.13 -6.13 8.84
N LEU A 64 2.21 -6.65 8.03
CA LEU A 64 1.82 -6.05 6.76
C LEU A 64 0.33 -5.77 6.79
N SER A 65 -0.10 -4.79 6.02
CA SER A 65 -1.50 -4.45 5.95
C SER A 65 -1.79 -4.00 4.53
N GLY A 66 -3.02 -4.18 4.07
CA GLY A 66 -3.40 -3.73 2.76
C GLY A 66 -4.78 -4.18 2.35
N ALA A 67 -5.00 -4.23 1.04
CA ALA A 67 -6.31 -4.50 0.49
C ALA A 67 -6.22 -5.38 -0.76
N TYR A 68 -7.22 -6.22 -0.94
CA TYR A 68 -7.24 -7.21 -2.00
C TYR A 68 -8.57 -7.19 -2.71
N TYR A 69 -8.48 -7.20 -4.04
CA TYR A 69 -9.65 -7.26 -4.90
C TYR A 69 -9.79 -8.67 -5.51
N SER A 70 -10.84 -9.38 -5.10
CA SER A 70 -11.03 -10.79 -5.48
C SER A 70 -11.55 -11.06 -6.89
N GLY A 71 -12.09 -10.03 -7.56
CA GLY A 71 -12.70 -10.18 -8.86
C GLY A 71 -11.66 -10.60 -9.87
N ASN A 72 -10.47 -9.99 -9.82
CA ASN A 72 -9.33 -10.37 -10.70
C ASN A 72 -8.00 -10.55 -9.95
N GLN A 73 -8.08 -10.68 -8.63
CA GLN A 73 -6.93 -11.07 -7.80
C GLN A 73 -5.76 -10.08 -7.86
N ILE A 74 -6.09 -8.84 -7.52
CA ILE A 74 -5.17 -7.72 -7.49
C ILE A 74 -5.02 -7.32 -6.02
N ILE A 75 -3.81 -6.97 -5.64
CA ILE A 75 -3.48 -6.68 -4.24
C ILE A 75 -2.54 -5.49 -4.11
N SER A 76 -2.64 -4.80 -2.97
CA SER A 76 -1.73 -3.74 -2.58
C SER A 76 -1.56 -3.80 -1.08
N PHE A 77 -0.31 -3.89 -0.61
CA PHE A 77 -0.04 -4.00 0.79
C PHE A 77 1.26 -3.29 1.13
N SER A 78 1.37 -2.92 2.39
CA SER A 78 2.49 -2.15 2.91
C SER A 78 3.07 -2.71 4.23
N VAL A 79 4.35 -2.43 4.42
CA VAL A 79 5.08 -2.68 5.63
C VAL A 79 5.80 -1.41 6.10
N VAL A 80 5.58 -1.06 7.38
CA VAL A 80 6.48 -0.15 8.12
C VAL A 80 7.55 -0.98 8.87
N TRP A 81 8.82 -0.61 8.65
CA TRP A 81 9.98 -1.43 9.07
C TRP A 81 10.39 -1.10 10.48
N SER A 82 9.41 -1.23 11.37
CA SER A 82 9.58 -1.05 12.81
C SER A 82 9.05 -2.28 13.61
N ASN A 83 9.93 -2.97 14.31
CA ASN A 83 9.46 -3.98 15.26
C ASN A 83 10.38 -4.05 16.46
N ALA A 84 10.20 -5.08 17.30
CA ALA A 84 10.95 -5.20 18.54
C ALA A 84 12.42 -5.54 18.30
N SER A 85 12.74 -6.00 17.09
CA SER A 85 14.09 -6.45 16.73
C SER A 85 14.91 -5.36 16.05
N ALA A 86 14.32 -4.69 15.07
CA ALA A 86 15.01 -3.67 14.32
C ALA A 86 14.04 -2.66 13.75
N ASN A 87 14.57 -1.47 13.62
CA ASN A 87 13.81 -0.34 13.02
C ASN A 87 14.62 0.36 11.92
N CYS A 88 14.15 0.27 10.68
CA CYS A 88 14.87 0.83 9.51
C CYS A 88 14.36 2.17 9.07
N GLN A 89 13.40 2.70 9.83
CA GLN A 89 12.91 4.07 9.61
C GLN A 89 12.46 4.28 8.16
N SER A 90 11.63 3.36 7.70
CA SER A 90 11.27 3.27 6.31
C SER A 90 9.97 2.50 6.17
N ALA A 91 9.47 2.47 4.95
CA ALA A 91 8.23 1.79 4.63
C ALA A 91 8.22 1.43 3.17
N THR A 92 7.55 0.32 2.86
CA THR A 92 7.47 -0.21 1.54
C THR A 92 6.03 -0.48 1.21
N GLY A 93 5.63 -0.16 -0.01
CA GLY A 93 4.32 -0.53 -0.53
C GLY A 93 4.49 -1.29 -1.83
N TRP A 94 3.83 -2.46 -1.86
CA TRP A 94 3.81 -3.35 -3.01
C TRP A 94 2.41 -3.30 -3.60
N THR A 95 2.36 -3.31 -4.93
CA THR A 95 1.12 -3.42 -5.64
C THR A 95 1.29 -4.33 -6.84
N GLY A 96 0.26 -5.14 -7.09
CA GLY A 96 0.34 -6.09 -8.17
C GLY A 96 -0.81 -7.03 -8.30
N TYR A 97 -0.53 -8.19 -8.93
CA TYR A 97 -1.57 -9.11 -9.30
C TYR A 97 -1.09 -10.56 -9.20
N PHE A 98 -2.02 -11.45 -8.85
CA PHE A 98 -1.75 -12.89 -8.83
C PHE A 98 -1.95 -13.46 -10.22
N ASP A 99 -0.89 -14.04 -10.75
CA ASP A 99 -0.89 -14.65 -12.06
C ASP A 99 -1.05 -16.13 -11.84
N PHE A 100 -2.23 -16.64 -12.13
CA PHE A 100 -2.51 -18.08 -12.03
C PHE A 100 -2.53 -18.78 -13.40
N SER A 101 -1.86 -18.21 -14.41
CA SER A 101 -1.99 -18.70 -15.77
C SER A 101 -0.94 -19.75 -16.11
N GLY A 102 0.29 -19.51 -15.69
CA GLY A 102 1.38 -20.47 -15.87
C GLY A 102 1.22 -21.71 -15.01
N SER A 103 2.22 -22.59 -15.05
CA SER A 103 2.20 -23.87 -14.33
C SER A 103 2.16 -23.70 -12.80
N GLN A 104 2.97 -22.77 -12.28
CA GLN A 104 2.86 -22.37 -10.88
C GLN A 104 2.47 -20.89 -10.74
N ALA A 105 1.76 -20.58 -9.65
CA ALA A 105 1.30 -19.24 -9.32
C ALA A 105 2.47 -18.28 -9.04
N VAL A 106 2.37 -17.08 -9.59
CA VAL A 106 3.31 -15.99 -9.33
C VAL A 106 2.54 -14.71 -8.93
N LEU A 107 2.90 -14.12 -7.79
CA LEU A 107 2.47 -12.79 -7.44
C LEU A 107 3.47 -11.81 -8.04
N LYS A 108 3.03 -11.04 -9.04
CA LYS A 108 3.91 -10.07 -9.68
C LYS A 108 3.63 -8.67 -9.13
N THR A 109 4.67 -8.02 -8.64
CA THR A 109 4.53 -6.72 -7.99
C THR A 109 5.60 -5.71 -8.38
N ASP A 110 5.19 -4.44 -8.29
CA ASP A 110 6.08 -3.30 -8.23
C ASP A 110 6.03 -2.77 -6.82
N TRP A 111 7.17 -2.27 -6.34
CA TRP A 111 7.23 -1.71 -5.01
C TRP A 111 7.96 -0.36 -4.98
N ASN A 112 7.61 0.39 -3.96
CA ASN A 112 8.24 1.62 -3.59
C ASN A 112 8.60 1.59 -2.14
N LEU A 113 9.80 2.06 -1.86
CA LEU A 113 10.37 2.09 -0.50
C LEU A 113 10.80 3.52 -0.18
N ALA A 114 10.07 4.14 0.74
CA ALA A 114 10.36 5.47 1.23
C ALA A 114 11.30 5.45 2.42
N PHE A 115 12.31 6.29 2.38
CA PHE A 115 13.35 6.27 3.43
C PHE A 115 14.07 7.61 3.45
N TYR A 116 14.94 7.79 4.44
CA TYR A 116 15.76 8.98 4.57
C TYR A 116 17.21 8.55 4.56
N SER A 117 18.03 9.37 3.91
CA SER A 117 19.47 9.22 3.93
C SER A 117 19.96 10.51 4.56
N GLY A 118 20.24 10.48 5.85
CA GLY A 118 20.47 11.71 6.60
C GLY A 118 19.18 12.51 6.56
N SER A 119 19.27 13.75 6.10
CA SER A 119 18.12 14.63 6.12
C SER A 119 17.38 14.65 4.78
N THR A 120 17.87 13.88 3.80
CA THR A 120 17.24 13.84 2.49
C THR A 120 16.28 12.67 2.38
N PRO A 121 15.00 12.94 2.04
CA PRO A 121 14.10 11.82 1.81
C PRO A 121 14.26 11.29 0.39
N ALA A 122 13.95 10.00 0.21
CA ALA A 122 13.91 9.42 -1.12
C ALA A 122 12.91 8.29 -1.18
N ILE A 123 12.52 7.94 -2.40
CA ILE A 123 11.65 6.80 -2.65
C ILE A 123 12.29 5.95 -3.73
N GLN A 124 12.58 4.69 -3.40
CA GLN A 124 13.21 3.73 -4.29
C GLN A 124 12.16 2.83 -4.92
N GLN A 125 12.37 2.51 -6.20
CA GLN A 125 11.46 1.62 -6.94
C GLN A 125 12.08 0.26 -7.12
N GLY A 126 11.23 -0.76 -7.14
CA GLY A 126 11.69 -2.03 -7.58
C GLY A 126 10.57 -2.97 -7.93
N GLN A 127 10.94 -4.22 -8.13
CA GLN A 127 9.97 -5.27 -8.49
C GLN A 127 10.27 -6.58 -7.79
N ASP A 128 9.22 -7.20 -7.26
CA ASP A 128 9.29 -8.52 -6.62
C ASP A 128 8.32 -9.48 -7.29
N ASP A 129 8.78 -10.69 -7.55
CA ASP A 129 7.91 -11.78 -7.97
C ASP A 129 7.90 -12.84 -6.87
N PHE A 130 6.70 -13.16 -6.37
CA PHE A 130 6.56 -14.10 -5.28
C PHE A 130 5.91 -15.40 -5.81
N MET A 131 6.47 -16.54 -5.37
CA MET A 131 5.92 -17.84 -5.67
C MET A 131 5.53 -18.53 -4.37
N GLN A 132 4.61 -19.48 -4.45
CA GLN A 132 4.27 -20.25 -3.26
C GLN A 132 5.40 -21.04 -2.65
N SER A 133 5.32 -21.18 -1.33
CA SER A 133 6.38 -21.84 -0.56
C SER A 133 6.51 -23.33 -0.79
N PRO B 9 7.07 16.14 12.70
CA PRO B 9 6.95 16.49 14.12
C PRO B 9 5.49 16.58 14.55
N ASP B 10 4.63 15.65 14.10
CA ASP B 10 3.27 16.11 13.78
C ASP B 10 1.96 15.53 14.30
N MET B 11 1.54 16.11 15.41
CA MET B 11 0.45 15.60 16.20
C MET B 11 -0.89 16.10 15.64
N LYS B 12 -0.87 17.21 14.88
CA LYS B 12 -2.14 17.66 14.28
C LYS B 12 -2.61 16.65 13.25
N LEU B 13 -1.66 16.16 12.45
CA LEU B 13 -1.90 15.03 11.56
C LEU B 13 -2.46 13.82 12.32
N LEU B 14 -1.75 13.39 13.35
CA LEU B 14 -2.18 12.19 14.09
C LEU B 14 -3.55 12.30 14.75
N ALA B 15 -3.91 13.50 15.20
CA ALA B 15 -5.18 13.73 15.92
C ALA B 15 -6.41 13.95 15.05
N GLY B 16 -6.23 14.38 13.80
CA GLY B 16 -7.36 14.79 12.97
C GLY B 16 -7.75 13.86 11.85
N ALA B 17 -8.65 14.38 11.02
CA ALA B 17 -9.00 13.82 9.72
C ALA B 17 -8.66 14.88 8.68
N SER B 18 -7.37 14.99 8.40
CA SER B 18 -6.83 15.98 7.50
C SER B 18 -7.00 15.61 6.01
N ASN B 19 -7.04 16.66 5.19
CA ASN B 19 -7.36 16.59 3.75
C ASN B 19 -6.19 17.08 2.89
N TRP B 20 -5.97 16.40 1.75
CA TRP B 20 -4.74 16.55 0.90
C TRP B 20 -5.14 16.50 -0.59
N VAL B 21 -4.91 17.62 -1.30
CA VAL B 21 -5.26 17.68 -2.72
C VAL B 21 -4.05 17.48 -3.58
N ASN B 22 -4.16 16.58 -4.57
CA ASN B 22 -3.04 16.37 -5.47
C ASN B 22 -3.12 17.19 -6.72
N GLN B 23 -2.04 17.13 -7.47
CA GLN B 23 -1.90 17.89 -8.75
CA GLN B 23 -1.94 17.88 -8.73
C GLN B 23 -2.99 17.55 -9.84
N SER B 24 -3.65 16.41 -9.64
CA SER B 24 -4.76 16.06 -10.54
C SER B 24 -6.11 16.46 -9.97
N GLY B 25 -6.11 17.09 -8.81
CA GLY B 25 -7.34 17.45 -8.13
C GLY B 25 -8.07 16.47 -7.27
N SER B 26 -7.46 15.27 -7.13
CA SER B 26 -7.99 14.27 -6.24
C SER B 26 -7.73 14.67 -4.79
N VAL B 27 -8.56 14.18 -3.87
CA VAL B 27 -8.43 14.50 -2.45
C VAL B 27 -8.34 13.22 -1.57
N ALA B 28 -7.33 13.21 -0.71
CA ALA B 28 -7.09 12.10 0.26
C ALA B 28 -7.40 12.67 1.65
N GLN B 29 -8.23 11.95 2.42
CA GLN B 29 -8.47 12.26 3.81
C GLN B 29 -7.94 11.12 4.69
N PHE B 30 -7.06 11.46 5.62
CA PHE B 30 -6.36 10.46 6.43
C PHE B 30 -6.79 10.50 7.88
N VAL B 31 -6.85 9.32 8.51
CA VAL B 31 -7.16 9.15 9.92
C VAL B 31 -6.13 8.14 10.41
N PHE B 32 -5.56 8.37 11.58
CA PHE B 32 -4.45 7.54 12.09
C PHE B 32 -4.84 6.87 13.40
N THR B 33 -4.50 5.58 13.59
CA THR B 33 -4.82 4.88 14.82
C THR B 33 -3.57 4.16 15.24
N PRO B 34 -3.16 4.29 16.51
CA PRO B 34 -1.88 3.66 16.89
C PRO B 34 -1.88 2.16 16.66
N SER B 35 -0.77 1.64 16.13
CA SER B 35 -0.61 0.21 15.95
C SER B 35 -0.53 -0.45 17.34
N PRO B 36 -1.21 -1.59 17.54
CA PRO B 36 -1.01 -2.27 18.83
C PRO B 36 0.34 -2.97 19.00
N THR B 37 1.09 -3.10 17.91
CA THR B 37 2.35 -3.88 17.91
C THR B 37 3.59 -3.10 17.56
N GLN B 38 3.47 -2.14 16.64
CA GLN B 38 4.62 -1.40 16.15
C GLN B 38 4.71 0.00 16.73
N PRO B 39 5.80 0.29 17.44
CA PRO B 39 5.98 1.60 17.99
C PRO B 39 6.11 2.69 16.93
N GLN B 40 5.65 3.84 17.31
CA GLN B 40 5.64 5.02 16.42
C GLN B 40 4.95 4.76 15.08
N THR B 41 4.06 3.77 15.06
CA THR B 41 3.44 3.32 13.84
C THR B 41 1.92 3.39 13.98
N TYR B 42 1.24 3.71 12.88
CA TYR B 42 -0.22 3.96 12.87
C TYR B 42 -0.91 3.27 11.68
N GLU B 43 -2.08 2.71 11.96
CA GLU B 43 -2.98 2.20 10.94
C GLU B 43 -3.63 3.43 10.30
N VAL B 44 -3.54 3.51 8.99
CA VAL B 44 -4.14 4.62 8.21
C VAL B 44 -5.49 4.15 7.71
N SER B 45 -6.52 4.94 7.99
CA SER B 45 -7.84 4.78 7.41
C SER B 45 -8.23 6.14 6.79
N GLY B 46 -9.44 6.18 6.28
CA GLY B 46 -9.94 7.42 5.63
C GLY B 46 -10.53 7.13 4.28
N ASN B 47 -10.55 8.15 3.41
CA ASN B 47 -11.12 7.98 2.09
C ASN B 47 -10.42 8.81 1.03
N TYR B 48 -10.64 8.39 -0.22
CA TYR B 48 -10.01 8.98 -1.39
C TYR B 48 -11.08 9.32 -2.42
N ILE B 49 -11.06 10.57 -2.89
CA ILE B 49 -11.90 10.98 -4.02
C ILE B 49 -10.99 11.24 -5.21
N ASN B 50 -11.17 10.42 -6.24
CA ASN B 50 -10.39 10.51 -7.44
C ASN B 50 -11.05 11.56 -8.38
N ASN B 51 -10.28 12.56 -8.79
CA ASN B 51 -10.77 13.54 -9.81
C ASN B 51 -9.83 13.61 -11.03
N ALA B 52 -8.94 12.61 -11.18
CA ALA B 52 -7.96 12.60 -12.27
C ALA B 52 -8.59 12.36 -13.61
N GLN B 53 -8.39 13.34 -14.50
CA GLN B 53 -8.86 13.23 -15.87
C GLN B 53 -8.26 11.98 -16.53
N GLY B 54 -9.08 11.34 -17.35
CA GLY B 54 -8.71 10.11 -18.03
C GLY B 54 -8.76 8.82 -17.22
N THR B 55 -9.30 8.86 -16.01
CA THR B 55 -9.37 7.64 -15.16
C THR B 55 -10.82 7.28 -14.90
N GLY B 56 -11.04 6.09 -14.33
CA GLY B 56 -12.36 5.66 -13.94
C GLY B 56 -12.64 6.05 -12.51
N CYS B 57 -13.84 5.71 -12.04
CA CYS B 57 -14.14 5.76 -10.61
C CYS B 57 -13.88 7.13 -10.05
N LYS B 58 -14.43 8.16 -10.73
CA LYS B 58 -14.20 9.51 -10.31
C LYS B 58 -15.37 10.00 -9.47
N GLY B 59 -15.06 10.93 -8.58
CA GLY B 59 -16.05 11.75 -7.90
C GLY B 59 -16.76 11.18 -6.69
N THR B 60 -16.37 9.97 -6.23
CA THR B 60 -17.00 9.37 -5.07
C THR B 60 -15.91 8.89 -4.09
N PRO B 61 -16.18 8.95 -2.79
CA PRO B 61 -15.23 8.39 -1.79
C PRO B 61 -14.97 6.86 -1.86
N TYR B 62 -13.69 6.48 -1.95
CA TYR B 62 -13.24 5.06 -1.79
C TYR B 62 -12.46 4.96 -0.49
N PRO B 63 -12.68 3.85 0.27
CA PRO B 63 -11.91 3.72 1.50
C PRO B 63 -10.46 3.55 1.17
N LEU B 64 -9.59 4.06 2.01
CA LEU B 64 -8.16 3.83 1.84
C LEU B 64 -7.64 3.15 3.10
N SER B 65 -6.53 2.43 3.00
CA SER B 65 -5.95 1.75 4.16
C SER B 65 -4.45 1.72 3.96
N GLY B 66 -3.72 1.81 5.05
CA GLY B 66 -2.27 1.63 4.96
C GLY B 66 -1.62 1.78 6.32
N ALA B 67 -0.39 2.27 6.29
CA ALA B 67 0.45 2.41 7.46
C ALA B 67 1.33 3.63 7.40
N TYR B 68 1.54 4.22 8.58
CA TYR B 68 2.26 5.47 8.71
C TYR B 68 3.27 5.35 9.84
N TYR B 69 4.47 5.84 9.57
CA TYR B 69 5.57 5.83 10.50
C TYR B 69 5.85 7.28 10.95
N SER B 70 5.56 7.55 12.21
CA SER B 70 5.63 8.90 12.77
C SER B 70 7.07 9.36 13.03
N GLY B 71 8.03 8.42 13.06
CA GLY B 71 9.44 8.78 13.30
C GLY B 71 9.96 9.85 12.33
N ASN B 72 9.75 9.61 11.04
CA ASN B 72 10.16 10.56 10.03
C ASN B 72 9.04 10.86 9.00
N GLN B 73 7.80 10.57 9.39
CA GLN B 73 6.57 10.98 8.69
C GLN B 73 6.52 10.40 7.27
N ILE B 74 6.63 9.07 7.21
CA ILE B 74 6.57 8.31 5.99
C ILE B 74 5.29 7.50 6.00
N ILE B 75 4.73 7.32 4.81
CA ILE B 75 3.42 6.66 4.66
C ILE B 75 3.34 5.75 3.42
N SER B 76 2.50 4.70 3.52
CA SER B 76 2.17 3.86 2.40
C SER B 76 0.72 3.48 2.55
N PHE B 77 -0.12 3.78 1.55
CA PHE B 77 -1.54 3.51 1.64
C PHE B 77 -2.04 3.03 0.28
N SER B 78 -3.21 2.41 0.30
CA SER B 78 -3.76 1.74 -0.86
C SER B 78 -5.26 1.97 -0.95
N VAL B 79 -5.78 1.98 -2.20
CA VAL B 79 -7.19 1.95 -2.47
C VAL B 79 -7.47 0.87 -3.47
N VAL B 80 -8.50 0.08 -3.18
CA VAL B 80 -9.09 -0.83 -4.13
C VAL B 80 -10.30 -0.12 -4.70
N TRP B 81 -10.40 -0.06 -6.02
CA TRP B 81 -11.39 0.81 -6.66
C TRP B 81 -12.72 0.13 -6.83
N SER B 82 -13.33 -0.21 -5.68
CA SER B 82 -14.60 -0.86 -5.63
C SER B 82 -15.45 -0.19 -4.55
N ASN B 83 -16.55 0.44 -4.97
CA ASN B 83 -17.50 0.94 -3.98
C ASN B 83 -18.95 0.84 -4.46
N ALA B 84 -19.86 1.44 -3.72
CA ALA B 84 -21.27 1.41 -4.13
C ALA B 84 -21.57 2.11 -5.47
N SER B 85 -20.70 3.00 -5.93
CA SER B 85 -20.92 3.79 -7.17
C SER B 85 -20.35 3.20 -8.43
N ALA B 86 -19.14 2.65 -8.33
CA ALA B 86 -18.40 2.23 -9.51
C ALA B 86 -17.28 1.30 -9.08
N ASN B 87 -16.95 0.35 -9.96
CA ASN B 87 -15.93 -0.63 -9.74
C ASN B 87 -15.03 -0.66 -10.99
N CYS B 88 -13.80 -0.22 -10.81
CA CYS B 88 -12.82 -0.18 -11.89
C CYS B 88 -11.91 -1.42 -11.89
N GLN B 89 -12.14 -2.33 -10.96
CA GLN B 89 -11.45 -3.64 -10.98
C GLN B 89 -9.94 -3.44 -10.95
N SER B 90 -9.50 -2.60 -10.03
CA SER B 90 -8.12 -2.17 -9.99
C SER B 90 -7.77 -1.72 -8.59
N ALA B 91 -6.48 -1.47 -8.35
CA ALA B 91 -6.04 -0.96 -7.06
C ALA B 91 -4.82 -0.13 -7.25
N THR B 92 -4.66 0.84 -6.35
CA THR B 92 -3.51 1.69 -6.33
C THR B 92 -2.86 1.68 -4.98
N GLY B 93 -1.53 1.64 -4.98
CA GLY B 93 -0.78 1.94 -3.81
C GLY B 93 0.18 3.10 -3.98
N TRP B 94 0.16 3.95 -2.98
CA TRP B 94 1.01 5.14 -2.88
C TRP B 94 1.99 4.94 -1.72
N THR B 95 3.21 5.34 -1.95
CA THR B 95 4.25 5.37 -0.92
C THR B 95 5.06 6.65 -1.02
N GLY B 96 5.24 7.29 0.13
CA GLY B 96 6.04 8.51 0.18
C GLY B 96 6.22 9.11 1.53
N TYR B 97 6.41 10.43 1.56
CA TYR B 97 6.79 11.10 2.76
C TYR B 97 6.14 12.51 2.83
N PHE B 98 5.87 12.94 4.06
CA PHE B 98 5.34 14.29 4.33
C PHE B 98 6.47 15.26 4.59
N ASP B 99 6.28 16.51 4.16
CA ASP B 99 7.24 17.57 4.41
C ASP B 99 6.45 18.78 4.91
N PHE B 100 6.66 19.09 6.20
CA PHE B 100 6.00 20.18 6.90
C PHE B 100 6.90 21.41 7.05
N SER B 101 8.03 21.45 6.35
CA SER B 101 9.01 22.53 6.56
C SER B 101 8.57 23.83 5.91
N GLY B 102 7.68 23.75 4.92
CA GLY B 102 7.22 24.94 4.20
C GLY B 102 5.97 25.57 4.82
N SER B 103 5.54 26.70 4.31
CA SER B 103 4.30 27.30 4.84
C SER B 103 3.08 26.41 4.54
N GLN B 104 3.14 25.61 3.48
CA GLN B 104 2.07 24.65 3.17
C GLN B 104 2.63 23.22 3.28
N ALA B 105 1.99 22.38 4.08
CA ALA B 105 2.42 20.96 4.17
C ALA B 105 2.18 20.22 2.84
N VAL B 106 3.12 19.34 2.47
CA VAL B 106 3.13 18.61 1.21
C VAL B 106 3.36 17.10 1.51
N LEU B 107 2.76 16.27 0.67
CA LEU B 107 2.99 14.81 0.65
C LEU B 107 3.49 14.43 -0.72
N LYS B 108 4.71 13.89 -0.80
CA LYS B 108 5.32 13.48 -2.06
C LYS B 108 5.23 11.96 -2.19
N THR B 109 4.58 11.45 -3.24
CA THR B 109 4.42 9.98 -3.40
C THR B 109 4.78 9.47 -4.79
N ASP B 110 5.13 8.19 -4.84
CA ASP B 110 5.12 7.39 -6.04
C ASP B 110 4.00 6.38 -5.88
N TRP B 111 3.37 6.05 -6.99
CA TRP B 111 2.27 5.11 -6.97
C TRP B 111 2.35 4.09 -8.09
N ASN B 112 1.69 2.95 -7.83
CA ASN B 112 1.47 1.91 -8.78
C ASN B 112 0.00 1.60 -8.81
N LEU B 113 -0.52 1.34 -10.00
CA LEU B 113 -1.94 1.07 -10.22
C LEU B 113 -1.99 -0.22 -11.02
N ALA B 114 -2.42 -1.29 -10.34
CA ALA B 114 -2.63 -2.57 -11.02
C ALA B 114 -4.04 -2.67 -11.59
N PHE B 115 -4.11 -3.17 -12.82
CA PHE B 115 -5.37 -3.32 -13.55
C PHE B 115 -5.27 -4.37 -14.67
N TYR B 116 -6.43 -4.68 -15.26
CA TYR B 116 -6.46 -5.51 -16.46
C TYR B 116 -7.01 -4.78 -17.68
N SER B 117 -6.53 -5.18 -18.86
CA SER B 117 -7.06 -4.75 -20.17
C SER B 117 -7.47 -6.01 -20.86
N GLY B 118 -8.74 -6.36 -20.77
CA GLY B 118 -9.19 -7.69 -21.12
C GLY B 118 -8.46 -8.68 -20.22
N SER B 119 -7.76 -9.63 -20.82
CA SER B 119 -7.05 -10.66 -20.08
C SER B 119 -5.61 -10.28 -19.72
N THR B 120 -5.16 -9.12 -20.16
CA THR B 120 -3.77 -8.75 -19.97
C THR B 120 -3.60 -7.94 -18.70
N PRO B 121 -2.79 -8.42 -17.73
CA PRO B 121 -2.54 -7.55 -16.59
C PRO B 121 -1.43 -6.54 -16.85
N ALA B 122 -1.46 -5.47 -16.07
CA ALA B 122 -0.44 -4.44 -16.12
C ALA B 122 -0.43 -3.65 -14.79
N ILE B 123 0.70 -2.98 -14.56
CA ILE B 123 0.88 -2.08 -13.42
C ILE B 123 1.42 -0.78 -13.97
N GLN B 124 0.66 0.31 -13.81
CA GLN B 124 1.12 1.62 -14.28
C GLN B 124 1.78 2.35 -13.13
N GLN B 125 2.87 3.06 -13.42
CA GLN B 125 3.58 3.88 -12.42
C GLN B 125 3.27 5.35 -12.59
N GLY B 126 3.38 6.08 -11.48
CA GLY B 126 3.27 7.51 -11.53
C GLY B 126 3.67 8.16 -10.22
N GLN B 127 3.41 9.47 -10.15
CA GLN B 127 3.75 10.28 -9.00
C GLN B 127 2.60 11.21 -8.71
N ASP B 128 2.25 11.33 -7.44
CA ASP B 128 1.28 12.27 -6.93
C ASP B 128 1.93 13.14 -5.89
N ASP B 129 1.82 14.45 -6.08
CA ASP B 129 2.22 15.41 -5.06
C ASP B 129 0.95 16.02 -4.47
N PHE B 130 0.79 15.91 -3.16
CA PHE B 130 -0.40 16.49 -2.49
C PHE B 130 0.01 17.66 -1.65
N MET B 131 -0.89 18.65 -1.57
CA MET B 131 -0.71 19.74 -0.64
C MET B 131 -1.88 19.71 0.32
N GLN B 132 -1.63 20.05 1.57
CA GLN B 132 -2.70 20.01 2.53
C GLN B 132 -3.78 21.08 2.21
N SER B 133 -5.03 20.68 2.43
CA SER B 133 -6.18 21.55 2.31
C SER B 133 -6.57 21.91 3.73
N VAL B 134 -6.11 23.08 4.15
CA VAL B 134 -6.39 23.52 5.51
C VAL B 134 -7.85 23.90 5.60
C11 BTN C . 15.12 -1.11 4.83
O11 BTN C . 14.83 0.13 4.79
O12 BTN C . 16.22 -1.56 4.39
C10 BTN C . 14.08 -2.08 5.36
C9 BTN C . 13.96 -3.37 4.51
C8 BTN C . 13.49 -3.17 3.07
C7 BTN C . 13.35 -4.46 2.25
C2 BTN C . 12.96 -4.20 0.82
S1 BTN C . 11.22 -3.90 0.69
C6 BTN C . 11.29 -4.21 -1.02
C5 BTN C . 12.24 -5.37 -1.25
N1 BTN C . 11.53 -6.63 -1.14
C3 BTN C . 12.04 -7.40 -0.17
O3 BTN C . 11.57 -8.49 0.12
N2 BTN C . 13.03 -6.74 0.43
C4 BTN C . 13.25 -5.39 -0.12
C1 BTB D . 16.69 1.83 2.70
O1 BTB D . 16.86 1.71 4.11
C2 BTB D . 17.96 1.50 1.92
C3 BTB D . 17.64 2.00 0.50
O3 BTB D . 18.17 1.15 -0.50
C4 BTB D . 18.17 -0.02 2.00
O4 BTB D . 16.95 -0.78 1.85
N BTB D . 19.21 2.17 2.43
C5 BTB D . 20.37 2.10 1.50
C6 BTB D . 21.27 0.88 1.72
O6 BTB D . 21.56 0.88 3.12
C7 BTB D . 19.05 3.62 2.78
C8 BTB D . 20.11 4.18 3.75
O8 BTB D . 19.62 5.33 4.49
C11 BTN E . -9.05 3.28 -12.39
O11 BTN E . -9.16 4.06 -13.36
O12 BTN E . -8.62 2.13 -12.62
C10 BTN E . -9.43 3.72 -11.01
C9 BTN E . -9.00 5.13 -10.59
C8 BTN E . -7.52 5.47 -10.79
C7 BTN E . -7.14 6.85 -10.21
C2 BTN E . -5.62 7.06 -10.26
S1 BTN E . -4.83 6.33 -8.80
C6 BTN E . -3.34 7.16 -9.18
C5 BTN E . -3.71 8.56 -9.76
N1 BTN E . -3.86 9.52 -8.69
C3 BTN E . -5.12 10.01 -8.61
O3 BTN E . -5.59 10.76 -7.76
N2 BTN E . -5.85 9.42 -9.54
C4 BTN E . -5.09 8.48 -10.35
C1 BTB F . -6.37 1.78 -15.84
O1 BTB F . -7.55 1.53 -15.05
C2 BTB F . -6.64 2.86 -16.90
C3 BTB F . -7.43 2.21 -18.05
O3 BTB F . -6.60 1.37 -18.85
C4 BTB F . -5.36 3.42 -17.58
O4 BTB F . -4.16 2.87 -17.02
N BTB F . -7.43 3.84 -16.05
C5 BTB F . -6.80 5.13 -15.62
C6 BTB F . -5.29 5.19 -15.30
O6 BTB F . -5.01 6.01 -14.16
C7 BTB F . -8.85 4.09 -16.46
C8 BTB F . -9.78 2.84 -16.48
O8 BTB F . -10.84 2.74 -15.46
#